data_5D3K
#
_entry.id   5D3K
#
_cell.length_a   112.920
_cell.length_b   112.920
_cell.length_c   42.970
_cell.angle_alpha   90.000
_cell.angle_beta   90.000
_cell.angle_gamma   120.000
#
_symmetry.space_group_name_H-M   'P 3 2 1'
#
loop_
_entity.id
_entity.type
_entity.pdbx_description
1 polymer 'Erythronolide synthase, modules 5 and 6'
2 non-polymer 'PENTAETHYLENE GLYCOL'
3 non-polymer 'CALCIUM ION'
4 water water
#
_entity_poly.entity_id   1
_entity_poly.type   'polypeptide(L)'
_entity_poly.pdbx_seq_one_letter_code
;SSALRDGYRQAGVSGRVRSYLDLLAGLSDFREHFDGSDGFSLDLVDMADGPGEVTVICCAGTAAISGPHEFTRLAGALRG
IAPVRAVPQPGYEEGEPLPSSMAAVAAVQADAVIRTQGDKPFVVAGHSAGALMAYALATELLDRGHPPRGVVLIDVYPPG
HQDAMNAWLEELTATLFDRETVRMDDTRLTALGAYDRLTGQWRPRETGLPTLLVSAGEPMGPWPDDSWKPTWPFEHDTVA
VPGDHFTMVQEHADAIARHIDAWLGGGNS
;
_entity_poly.pdbx_strand_id   A
#
loop_
_chem_comp.id
_chem_comp.type
_chem_comp.name
_chem_comp.formula
1PE non-polymer 'PENTAETHYLENE GLYCOL' 'C10 H22 O6'
CA non-polymer 'CALCIUM ION' 'Ca 2'
#
# COMPACT_ATOMS: atom_id res chain seq x y z
N SER A 1 -3.44 18.54 -18.42
CA SER A 1 -3.63 18.44 -16.88
C SER A 1 -5.14 18.64 -16.62
N SER A 2 -5.50 18.84 -15.37
CA SER A 2 -6.92 19.14 -14.96
C SER A 2 -6.90 20.07 -13.76
N ALA A 3 -8.02 20.72 -13.49
CA ALA A 3 -8.12 21.56 -12.29
C ALA A 3 -7.72 20.79 -11.06
N LEU A 4 -8.19 19.55 -10.87
CA LEU A 4 -7.79 18.83 -9.65
C LEU A 4 -6.31 18.57 -9.52
N ARG A 5 -5.69 18.24 -10.66
CA ARG A 5 -4.24 17.93 -10.64
C ARG A 5 -3.39 19.20 -10.41
N ASP A 6 -3.79 20.32 -11.04
CA ASP A 6 -3.11 21.55 -10.82
C ASP A 6 -3.28 22.02 -9.41
N GLY A 7 -4.46 21.82 -8.87
CA GLY A 7 -4.75 22.21 -7.47
C GLY A 7 -3.91 21.45 -6.46
N TYR A 8 -3.75 20.13 -6.71
CA TYR A 8 -2.92 19.28 -5.87
C TYR A 8 -1.52 19.76 -5.85
N ARG A 9 -0.97 20.04 -6.99
CA ARG A 9 0.41 20.54 -7.07
C ARG A 9 0.53 21.87 -6.33
N GLN A 10 -0.42 22.75 -6.53
CA GLN A 10 -0.41 24.04 -5.76
C GLN A 10 -0.61 23.87 -4.25
N ALA A 11 -1.41 22.86 -3.82
CA ALA A 11 -1.50 22.53 -2.43
C ALA A 11 -0.10 22.17 -1.85
N GLY A 12 0.72 21.44 -2.61
CA GLY A 12 2.06 21.11 -2.14
C GLY A 12 2.86 22.38 -1.98
N VAL A 13 2.91 23.16 -3.04
CA VAL A 13 3.77 24.39 -3.08
C VAL A 13 3.41 25.37 -2.02
N SER A 14 2.15 25.43 -1.63
CA SER A 14 1.64 26.40 -0.70
C SER A 14 1.44 25.86 0.73
N GLY A 15 1.85 24.60 1.02
CA GLY A 15 1.68 24.05 2.33
C GLY A 15 0.30 23.80 2.86
N ARG A 16 -0.63 23.43 1.96
CA ARG A 16 -2.03 23.23 2.31
C ARG A 16 -2.49 21.86 1.82
N VAL A 17 -1.59 20.87 1.86
CA VAL A 17 -1.95 19.51 1.39
C VAL A 17 -3.08 18.81 2.17
N ARG A 18 -3.05 18.91 3.48
CA ARG A 18 -4.10 18.30 4.31
C ARG A 18 -5.49 18.86 3.93
N SER A 19 -5.54 20.19 3.75
CA SER A 19 -6.75 20.82 3.32
C SER A 19 -7.23 20.26 1.97
N TYR A 20 -6.33 20.10 1.04
CA TYR A 20 -6.68 19.64 -0.29
C TYR A 20 -7.13 18.18 -0.25
N LEU A 21 -6.46 17.37 0.54
CA LEU A 21 -6.88 15.95 0.68
C LEU A 21 -8.29 15.84 1.25
N ASP A 22 -8.62 16.70 2.20
CA ASP A 22 -9.96 16.71 2.79
C ASP A 22 -10.99 17.11 1.69
N LEU A 23 -10.63 18.07 0.81
CA LEU A 23 -11.51 18.39 -0.31
C LEU A 23 -11.73 17.24 -1.23
N LEU A 24 -10.65 16.56 -1.63
CA LEU A 24 -10.71 15.41 -2.53
C LEU A 24 -11.58 14.29 -1.88
N ALA A 25 -11.49 14.08 -0.59
CA ALA A 25 -12.36 13.11 0.06
C ALA A 25 -13.80 13.52 0.00
N GLY A 26 -14.07 14.81 0.26
CA GLY A 26 -15.42 15.31 0.13
C GLY A 26 -16.02 15.10 -1.23
N LEU A 27 -15.23 15.40 -2.27
CA LEU A 27 -15.71 15.20 -3.60
C LEU A 27 -16.01 13.76 -3.96
N SER A 28 -15.19 12.89 -3.38
CA SER A 28 -15.33 11.47 -3.61
C SER A 28 -16.66 10.92 -3.14
N ASP A 29 -17.27 11.59 -2.17
CA ASP A 29 -18.57 11.14 -1.69
C ASP A 29 -19.65 11.23 -2.76
N PHE A 30 -19.39 11.96 -3.86
CA PHE A 30 -20.38 12.14 -4.94
C PHE A 30 -20.21 11.19 -6.08
N ARG A 31 -19.24 10.27 -5.97
CA ARG A 31 -19.03 9.19 -6.93
C ARG A 31 -19.79 7.91 -6.46
N GLU A 32 -19.94 6.96 -7.38
CA GLU A 32 -20.54 5.67 -7.07
C GLU A 32 -19.68 4.83 -6.11
N HIS A 33 -20.31 4.19 -5.14
CA HIS A 33 -19.64 3.37 -4.17
C HIS A 33 -20.13 1.94 -4.23
N PHE A 34 -19.33 1.06 -3.67
CA PHE A 34 -19.71 -0.40 -3.40
C PHE A 34 -19.56 -0.71 -1.95
N ASP A 35 -20.42 -1.61 -1.44
CA ASP A 35 -20.36 -1.90 0.00
C ASP A 35 -20.01 -3.30 0.38
N GLY A 36 -19.72 -4.13 -0.59
CA GLY A 36 -19.12 -5.42 -0.25
C GLY A 36 -20.10 -6.58 -0.47
N SER A 37 -21.39 -6.25 -0.38
CA SER A 37 -22.44 -7.19 -0.65
C SER A 37 -23.34 -6.73 -1.89
N ASP A 38 -22.79 -5.96 -2.83
CA ASP A 38 -23.58 -5.58 -4.03
C ASP A 38 -23.05 -6.23 -5.34
N GLY A 39 -22.19 -7.25 -5.25
CA GLY A 39 -21.81 -7.95 -6.43
C GLY A 39 -20.57 -7.45 -7.08
N PHE A 40 -19.87 -6.50 -6.50
CA PHE A 40 -18.63 -6.05 -7.15
C PHE A 40 -17.54 -7.10 -6.93
N SER A 41 -16.64 -7.23 -7.89
CA SER A 41 -15.54 -8.15 -7.84
C SER A 41 -14.36 -7.54 -8.57
N LEU A 42 -13.20 -8.09 -8.28
CA LEU A 42 -11.98 -7.71 -9.01
C LEU A 42 -11.08 -8.94 -9.11
N ASP A 43 -10.04 -8.80 -9.93
CA ASP A 43 -9.07 -9.86 -10.16
C ASP A 43 -7.67 -9.44 -9.71
N LEU A 44 -6.86 -10.42 -9.41
CA LEU A 44 -5.43 -10.17 -9.15
C LEU A 44 -4.65 -10.13 -10.46
N VAL A 45 -3.50 -9.48 -10.44
CA VAL A 45 -2.60 -9.37 -11.56
C VAL A 45 -1.45 -10.37 -11.30
N ASP A 46 -1.08 -11.16 -12.29
CA ASP A 46 0.12 -11.99 -12.21
C ASP A 46 1.37 -11.23 -12.57
N MET A 47 2.32 -11.11 -11.66
CA MET A 47 3.48 -10.29 -11.87
C MET A 47 4.79 -11.06 -12.17
N ALA A 48 4.98 -12.22 -11.50
CA ALA A 48 6.21 -13.05 -11.72
C ALA A 48 5.92 -14.41 -11.15
N ASP A 49 6.64 -15.39 -11.69
CA ASP A 49 6.63 -16.71 -11.09
C ASP A 49 7.95 -17.01 -10.33
N GLY A 50 7.89 -18.03 -9.51
CA GLY A 50 9.05 -18.45 -8.77
C GLY A 50 8.80 -19.77 -8.08
N PRO A 51 9.85 -20.29 -7.45
CA PRO A 51 9.80 -21.60 -6.80
C PRO A 51 9.11 -21.45 -5.41
N GLY A 52 8.83 -22.61 -4.84
CA GLY A 52 8.25 -22.71 -3.49
C GLY A 52 6.75 -22.71 -3.45
N GLU A 53 6.22 -22.74 -2.24
CA GLU A 53 4.83 -22.92 -2.05
C GLU A 53 4.14 -21.59 -1.75
N VAL A 54 4.90 -20.53 -1.53
CA VAL A 54 4.36 -19.28 -0.93
C VAL A 54 4.41 -18.11 -1.93
N THR A 55 3.23 -17.59 -2.27
CA THR A 55 3.13 -16.47 -3.19
C THR A 55 3.21 -15.17 -2.38
N VAL A 56 3.89 -14.19 -2.96
CA VAL A 56 3.93 -12.83 -2.43
C VAL A 56 2.83 -12.03 -3.12
N ILE A 57 1.78 -11.66 -2.37
CA ILE A 57 0.64 -10.89 -2.89
C ILE A 57 0.83 -9.46 -2.45
N CYS A 58 1.06 -8.58 -3.41
CA CYS A 58 1.36 -7.18 -3.13
C CYS A 58 0.15 -6.33 -3.37
N CYS A 59 -0.20 -5.48 -2.43
CA CYS A 59 -1.38 -4.66 -2.54
C CYS A 59 -0.94 -3.31 -3.10
N ALA A 60 -1.61 -2.83 -4.12
CA ALA A 60 -1.39 -1.50 -4.58
C ALA A 60 -1.55 -0.46 -3.46
N GLY A 61 -0.85 0.67 -3.66
CA GLY A 61 -0.94 1.79 -2.74
C GLY A 61 -2.20 2.62 -2.95
N THR A 62 -2.25 3.71 -2.21
CA THR A 62 -3.38 4.64 -2.27
C THR A 62 -3.01 6.04 -2.80
N ALA A 63 -1.77 6.24 -3.19
CA ALA A 63 -1.38 7.50 -3.79
C ALA A 63 -2.06 7.66 -5.14
N ALA A 64 -2.19 8.88 -5.63
CA ALA A 64 -2.83 9.07 -6.88
C ALA A 64 -2.05 8.48 -8.05
N ILE A 65 -0.77 8.13 -7.83
CA ILE A 65 0.03 7.44 -8.86
C ILE A 65 0.14 5.90 -8.60
N SER A 66 -0.60 5.36 -7.67
CA SER A 66 -0.44 3.98 -7.22
C SER A 66 -1.12 3.04 -8.14
N GLY A 67 -0.76 1.78 -7.99
CA GLY A 67 -1.38 0.75 -8.84
C GLY A 67 -0.46 -0.50 -8.85
N PRO A 68 -0.87 -1.58 -9.53
CA PRO A 68 -0.02 -2.81 -9.58
C PRO A 68 1.36 -2.57 -10.19
N HIS A 69 1.48 -1.52 -11.03
CA HIS A 69 2.78 -1.21 -11.67
C HIS A 69 3.79 -0.76 -10.65
N GLU A 70 3.38 -0.32 -9.45
CA GLU A 70 4.30 0.11 -8.41
C GLU A 70 5.24 -1.05 -7.96
N PHE A 71 4.80 -2.27 -8.26
CA PHE A 71 5.54 -3.50 -7.91
C PHE A 71 6.29 -4.15 -9.07
N THR A 72 6.31 -3.51 -10.24
CA THR A 72 7.06 -4.10 -11.37
C THR A 72 8.52 -4.39 -10.95
N ARG A 73 9.19 -3.44 -10.33
CA ARG A 73 10.61 -3.60 -9.99
C ARG A 73 10.79 -4.70 -8.94
N LEU A 74 9.97 -4.69 -7.90
CA LEU A 74 10.07 -5.68 -6.86
C LEU A 74 9.79 -7.02 -7.46
N ALA A 75 8.78 -7.12 -8.33
CA ALA A 75 8.45 -8.42 -8.94
C ALA A 75 9.58 -8.93 -9.84
N GLY A 76 10.23 -8.03 -10.56
CA GLY A 76 11.38 -8.38 -11.39
C GLY A 76 12.50 -8.96 -10.54
N ALA A 77 12.74 -8.39 -9.40
CA ALA A 77 13.78 -8.86 -8.50
C ALA A 77 13.39 -10.16 -7.81
N LEU A 78 12.10 -10.50 -7.71
CA LEU A 78 11.65 -11.75 -7.13
C LEU A 78 11.38 -12.86 -8.14
N ARG A 79 11.53 -12.55 -9.43
CA ARG A 79 11.30 -13.57 -10.47
C ARG A 79 12.29 -14.70 -10.23
N GLY A 80 11.80 -15.91 -10.13
CA GLY A 80 12.74 -17.03 -9.90
C GLY A 80 13.09 -17.21 -8.41
N ILE A 81 12.50 -16.38 -7.54
CA ILE A 81 12.67 -16.43 -6.06
C ILE A 81 11.34 -16.85 -5.40
N ALA A 82 10.22 -16.23 -5.82
CA ALA A 82 8.91 -16.62 -5.35
C ALA A 82 7.88 -16.11 -6.34
N PRO A 83 6.73 -16.73 -6.41
CA PRO A 83 5.69 -16.18 -7.28
C PRO A 83 5.16 -14.83 -6.64
N VAL A 84 4.72 -13.91 -7.50
CA VAL A 84 4.30 -12.59 -7.12
C VAL A 84 2.99 -12.28 -7.86
N ARG A 85 1.98 -11.83 -7.13
CA ARG A 85 0.74 -11.29 -7.69
C ARG A 85 0.43 -9.95 -7.05
N ALA A 86 -0.39 -9.16 -7.73
CA ALA A 86 -0.74 -7.85 -7.22
C ALA A 86 -2.28 -7.70 -7.11
N VAL A 87 -2.72 -7.04 -6.04
CA VAL A 87 -4.10 -6.69 -5.75
C VAL A 87 -4.31 -5.20 -6.08
N PRO A 88 -5.22 -4.84 -6.99
CA PRO A 88 -5.51 -3.42 -7.21
C PRO A 88 -6.39 -2.84 -6.10
N GLN A 89 -6.34 -1.53 -5.87
CA GLN A 89 -7.33 -0.86 -5.01
C GLN A 89 -8.37 -0.36 -5.94
N PRO A 90 -9.64 -0.81 -5.73
CA PRO A 90 -10.68 -0.41 -6.67
C PRO A 90 -11.02 1.08 -6.57
N GLY A 91 -11.27 1.66 -7.71
CA GLY A 91 -11.73 3.06 -7.83
C GLY A 91 -10.72 4.02 -8.45
N TYR A 92 -9.52 3.55 -8.71
CA TYR A 92 -8.45 4.35 -9.37
C TYR A 92 -8.46 4.28 -10.85
N GLU A 93 -9.24 3.38 -11.40
CA GLU A 93 -9.44 3.27 -12.87
C GLU A 93 -10.87 3.53 -13.28
N GLU A 94 -11.02 3.99 -14.54
CA GLU A 94 -12.41 4.18 -15.06
C GLU A 94 -13.36 3.04 -14.94
N GLY A 95 -14.58 3.42 -14.55
CA GLY A 95 -15.64 2.46 -14.42
C GLY A 95 -15.65 1.76 -13.08
N GLU A 96 -14.68 2.02 -12.19
CA GLU A 96 -14.66 1.29 -10.95
C GLU A 96 -15.25 2.12 -9.82
N PRO A 97 -16.12 1.53 -9.02
CA PRO A 97 -16.67 2.26 -7.89
C PRO A 97 -15.69 2.35 -6.69
N LEU A 98 -15.94 3.22 -5.73
CA LEU A 98 -15.07 3.33 -4.53
C LEU A 98 -15.69 2.57 -3.42
N PRO A 99 -14.88 2.07 -2.50
CA PRO A 99 -15.43 1.34 -1.36
C PRO A 99 -16.09 2.31 -0.40
N SER A 100 -17.22 1.88 0.18
N SER A 100 -17.20 1.90 0.22
CA SER A 100 -17.92 2.62 1.24
CA SER A 100 -17.88 2.73 1.20
C SER A 100 -17.15 2.64 2.55
C SER A 100 -17.30 2.54 2.64
N SER A 101 -16.39 1.56 2.80
CA SER A 101 -15.70 1.31 4.01
C SER A 101 -14.44 0.46 3.74
N MET A 102 -13.58 0.43 4.74
CA MET A 102 -12.46 -0.52 4.75
C MET A 102 -12.97 -1.95 4.65
N ALA A 103 -14.10 -2.27 5.32
CA ALA A 103 -14.59 -3.60 5.27
C ALA A 103 -14.99 -4.01 3.83
N ALA A 104 -15.57 -3.10 3.08
CA ALA A 104 -15.99 -3.37 1.70
C ALA A 104 -14.83 -3.75 0.77
N VAL A 105 -13.76 -2.94 0.79
CA VAL A 105 -12.63 -3.22 -0.02
C VAL A 105 -11.93 -4.52 0.36
N ALA A 106 -11.77 -4.72 1.67
CA ALA A 106 -11.11 -5.93 2.19
C ALA A 106 -11.88 -7.15 1.78
N ALA A 107 -13.19 -7.07 1.82
CA ALA A 107 -14.04 -8.23 1.40
C ALA A 107 -13.88 -8.58 -0.05
N VAL A 108 -13.82 -7.61 -0.97
CA VAL A 108 -13.74 -7.94 -2.38
C VAL A 108 -12.34 -8.43 -2.74
N GLN A 109 -11.31 -7.88 -2.07
CA GLN A 109 -10.00 -8.30 -2.30
C GLN A 109 -9.77 -9.72 -1.70
N ALA A 110 -10.33 -9.97 -0.56
CA ALA A 110 -10.18 -11.30 0.03
C ALA A 110 -10.88 -12.35 -0.83
N ASP A 111 -12.04 -12.01 -1.39
CA ASP A 111 -12.72 -12.92 -2.38
C ASP A 111 -11.78 -13.33 -3.52
N ALA A 112 -11.12 -12.32 -4.08
CA ALA A 112 -10.19 -12.54 -5.16
C ALA A 112 -8.97 -13.33 -4.77
N VAL A 113 -8.36 -13.06 -3.62
CA VAL A 113 -7.23 -13.84 -3.13
C VAL A 113 -7.59 -15.33 -2.96
N ILE A 114 -8.75 -15.59 -2.38
CA ILE A 114 -9.19 -16.96 -2.10
C ILE A 114 -9.50 -17.71 -3.42
N ARG A 115 -10.08 -17.02 -4.39
CA ARG A 115 -10.49 -17.58 -5.68
C ARG A 115 -9.20 -17.93 -6.45
N THR A 116 -8.18 -17.13 -6.31
CA THR A 116 -6.95 -17.28 -7.09
C THR A 116 -5.98 -18.28 -6.44
N GLN A 117 -5.88 -18.29 -5.11
CA GLN A 117 -4.86 -19.04 -4.37
C GLN A 117 -5.32 -20.41 -4.00
N GLY A 118 -6.60 -20.56 -3.68
CA GLY A 118 -7.12 -21.81 -3.18
C GLY A 118 -6.49 -22.02 -1.81
N ASP A 119 -5.91 -23.20 -1.65
CA ASP A 119 -5.17 -23.53 -0.42
C ASP A 119 -3.65 -23.35 -0.58
N LYS A 120 -3.19 -22.62 -1.58
CA LYS A 120 -1.75 -22.42 -1.77
C LYS A 120 -1.38 -21.25 -0.81
N PRO A 121 -0.35 -21.41 0.01
CA PRO A 121 -0.04 -20.36 0.96
C PRO A 121 0.48 -19.05 0.32
N PHE A 122 0.44 -17.99 1.11
CA PHE A 122 0.76 -16.66 0.61
C PHE A 122 1.16 -15.74 1.76
N VAL A 123 1.86 -14.66 1.41
CA VAL A 123 2.06 -13.53 2.27
C VAL A 123 1.52 -12.31 1.61
N VAL A 124 1.14 -11.30 2.40
CA VAL A 124 0.55 -10.07 1.83
C VAL A 124 1.58 -8.97 2.06
N ALA A 125 1.79 -8.07 1.10
CA ALA A 125 2.75 -6.98 1.26
C ALA A 125 2.13 -5.68 0.77
N GLY A 126 2.57 -4.56 1.31
CA GLY A 126 2.21 -3.23 0.74
C GLY A 126 3.19 -2.20 1.24
N HIS A 127 3.07 -1.01 0.64
CA HIS A 127 4.02 0.09 0.87
C HIS A 127 3.25 1.34 1.25
N SER A 128 3.73 2.06 2.30
CA SER A 128 3.12 3.30 2.73
C SER A 128 1.68 3.07 3.14
N ALA A 129 0.73 3.85 2.64
CA ALA A 129 -0.68 3.52 2.99
C ALA A 129 -1.17 2.16 2.43
N GLY A 130 -0.54 1.69 1.38
CA GLY A 130 -0.76 0.35 0.85
C GLY A 130 -0.41 -0.73 1.87
N ALA A 131 0.47 -0.42 2.83
CA ALA A 131 0.80 -1.38 3.88
C ALA A 131 -0.39 -1.49 4.87
N LEU A 132 -1.10 -0.40 5.12
CA LEU A 132 -2.36 -0.41 5.91
C LEU A 132 -3.40 -1.21 5.19
N MET A 133 -3.52 -0.99 3.88
CA MET A 133 -4.45 -1.82 3.11
C MET A 133 -4.08 -3.31 3.15
N ALA A 134 -2.82 -3.63 3.04
CA ALA A 134 -2.34 -5.00 3.13
C ALA A 134 -2.67 -5.63 4.44
N TYR A 135 -2.46 -4.93 5.53
CA TYR A 135 -2.78 -5.49 6.84
C TYR A 135 -4.28 -5.69 7.04
N ALA A 136 -5.07 -4.76 6.54
CA ALA A 136 -6.54 -4.96 6.56
C ALA A 136 -6.99 -6.16 5.73
N LEU A 137 -6.37 -6.37 4.61
CA LEU A 137 -6.66 -7.54 3.78
C LEU A 137 -6.26 -8.83 4.53
N ALA A 138 -5.07 -8.81 5.14
CA ALA A 138 -4.53 -9.99 5.89
C ALA A 138 -5.51 -10.34 7.04
N THR A 139 -6.04 -9.31 7.67
CA THR A 139 -6.98 -9.43 8.77
C THR A 139 -8.27 -10.08 8.31
N GLU A 140 -8.78 -9.58 7.19
CA GLU A 140 -9.98 -10.14 6.59
C GLU A 140 -9.78 -11.62 6.26
N LEU A 141 -8.67 -11.95 5.65
CA LEU A 141 -8.33 -13.28 5.29
C LEU A 141 -8.22 -14.21 6.48
N LEU A 142 -7.53 -13.77 7.52
CA LEU A 142 -7.49 -14.50 8.76
C LEU A 142 -8.91 -14.74 9.34
N ASP A 143 -9.76 -13.71 9.31
CA ASP A 143 -11.17 -13.81 9.83
C ASP A 143 -12.05 -14.71 8.95
N ARG A 144 -11.59 -15.11 7.76
CA ARG A 144 -12.25 -16.10 6.93
C ARG A 144 -11.61 -17.52 6.86
N GLY A 145 -10.63 -17.74 7.72
CA GLY A 145 -9.88 -18.98 7.81
C GLY A 145 -8.86 -19.24 6.73
N HIS A 146 -8.43 -18.19 6.01
CA HIS A 146 -7.34 -18.31 5.08
C HIS A 146 -6.33 -17.31 5.51
N PRO A 147 -5.78 -17.43 6.71
CA PRO A 147 -4.73 -16.47 7.01
C PRO A 147 -3.49 -16.59 6.12
N PRO A 148 -2.90 -15.44 5.87
CA PRO A 148 -1.55 -15.45 5.27
C PRO A 148 -0.53 -16.06 6.21
N ARG A 149 0.59 -16.51 5.65
CA ARG A 149 1.74 -16.96 6.48
C ARG A 149 2.41 -15.76 7.17
N GLY A 150 2.18 -14.54 6.66
CA GLY A 150 2.75 -13.34 7.21
C GLY A 150 2.41 -12.12 6.40
N VAL A 151 2.86 -10.97 6.92
CA VAL A 151 2.59 -9.67 6.24
C VAL A 151 3.90 -8.89 6.16
N VAL A 152 4.12 -8.25 5.02
CA VAL A 152 5.31 -7.45 4.83
C VAL A 152 4.82 -6.02 4.75
N LEU A 153 5.24 -5.16 5.68
CA LEU A 153 4.78 -3.78 5.74
C LEU A 153 5.95 -2.88 5.35
N ILE A 154 5.88 -2.26 4.20
CA ILE A 154 7.04 -1.48 3.71
C ILE A 154 6.80 -0.02 3.99
N ASP A 155 7.62 0.59 4.89
CA ASP A 155 7.57 1.98 5.23
C ASP A 155 6.13 2.43 5.62
N VAL A 156 5.55 1.63 6.54
CA VAL A 156 4.23 1.92 7.11
C VAL A 156 4.29 3.00 8.20
N TYR A 157 3.37 3.99 8.09
CA TYR A 157 3.11 5.00 9.10
C TYR A 157 1.69 4.89 9.58
N PRO A 158 1.50 4.18 10.67
CA PRO A 158 0.13 3.94 11.16
C PRO A 158 -0.47 5.12 11.87
N PRO A 159 -1.81 5.15 12.00
CA PRO A 159 -2.55 6.14 12.87
C PRO A 159 -1.91 6.43 14.19
N GLY A 160 -1.58 7.70 14.48
CA GLY A 160 -0.96 8.06 15.70
C GLY A 160 0.53 8.08 15.67
N HIS A 161 1.11 7.60 14.57
CA HIS A 161 2.56 7.69 14.42
C HIS A 161 2.92 8.26 13.08
N GLN A 162 2.31 9.38 12.74
CA GLN A 162 2.44 9.89 11.36
C GLN A 162 3.10 11.22 11.30
N ASP A 163 3.78 11.57 12.40
CA ASP A 163 4.39 12.89 12.52
C ASP A 163 5.36 13.19 11.37
N ALA A 164 6.23 12.27 10.96
CA ALA A 164 7.14 12.55 9.83
C ALA A 164 6.34 12.72 8.50
N MET A 165 5.28 11.94 8.31
CA MET A 165 4.48 12.06 7.09
C MET A 165 3.85 13.44 7.06
N ASN A 166 3.38 13.90 8.22
CA ASN A 166 2.81 15.22 8.29
C ASN A 166 3.80 16.35 8.05
N ALA A 167 4.98 16.27 8.65
CA ALA A 167 6.07 17.21 8.41
C ALA A 167 6.53 17.22 6.93
N TRP A 168 6.32 16.14 6.24
CA TRP A 168 6.91 16.04 4.93
C TRP A 168 5.83 16.11 3.87
N LEU A 169 4.60 16.43 4.21
CA LEU A 169 3.52 16.33 3.18
C LEU A 169 3.77 17.14 1.88
N GLU A 170 4.32 18.34 2.00
CA GLU A 170 4.72 19.13 0.84
C GLU A 170 5.79 18.44 -0.03
N GLU A 171 6.85 17.96 0.61
CA GLU A 171 7.97 17.25 -0.04
C GLU A 171 7.42 15.98 -0.75
N LEU A 172 6.51 15.27 -0.06
CA LEU A 172 5.92 14.05 -0.62
C LEU A 172 5.17 14.36 -1.87
N THR A 173 4.39 15.42 -1.83
CA THR A 173 3.55 15.79 -2.95
C THR A 173 4.46 16.19 -4.14
N ALA A 174 5.49 16.99 -3.88
CA ALA A 174 6.39 17.39 -5.00
C ALA A 174 7.08 16.18 -5.63
N THR A 175 7.44 15.18 -4.80
CA THR A 175 8.10 14.01 -5.27
C THR A 175 7.18 13.12 -6.12
N LEU A 176 5.90 13.07 -5.76
CA LEU A 176 4.90 12.34 -6.51
C LEU A 176 4.80 12.88 -7.90
N PHE A 177 4.87 14.23 -8.08
CA PHE A 177 4.90 14.79 -9.41
C PHE A 177 6.20 14.48 -10.18
N ASP A 178 7.34 14.40 -9.48
CA ASP A 178 8.59 14.05 -10.12
C ASP A 178 8.59 12.59 -10.54
N ARG A 179 7.80 11.75 -9.87
CA ARG A 179 7.74 10.32 -10.15
C ARG A 179 6.37 9.84 -10.75
N GLU A 180 5.74 10.74 -11.51
CA GLU A 180 4.37 10.51 -12.01
C GLU A 180 4.42 9.60 -13.31
N THR A 181 4.66 8.31 -13.10
CA THR A 181 4.76 7.44 -14.24
C THR A 181 3.34 6.98 -14.67
N VAL A 182 2.31 7.17 -13.82
CA VAL A 182 0.94 7.03 -14.22
C VAL A 182 0.34 8.39 -13.93
N ARG A 183 -0.33 8.96 -14.93
CA ARG A 183 -0.87 10.33 -14.80
C ARG A 183 -1.92 10.46 -13.66
N MET A 184 -1.85 11.53 -12.90
CA MET A 184 -2.86 11.73 -11.83
C MET A 184 -4.12 12.34 -12.39
N ASP A 185 -5.00 11.53 -12.91
CA ASP A 185 -6.29 12.04 -13.46
C ASP A 185 -7.33 12.24 -12.33
N ASP A 186 -8.53 12.70 -12.70
CA ASP A 186 -9.49 13.08 -11.64
C ASP A 186 -10.06 11.85 -10.93
N THR A 187 -10.12 10.71 -11.62
CA THR A 187 -10.51 9.44 -10.98
C THR A 187 -9.52 9.07 -9.88
N ARG A 188 -8.23 9.18 -10.19
CA ARG A 188 -7.18 8.86 -9.23
C ARG A 188 -7.15 9.84 -8.05
N LEU A 189 -7.36 11.14 -8.28
CA LEU A 189 -7.26 12.11 -7.27
C LEU A 189 -8.44 12.02 -6.29
N THR A 190 -9.64 11.79 -6.81
CA THR A 190 -10.79 11.58 -5.94
C THR A 190 -10.63 10.23 -5.21
N ALA A 191 -10.04 9.20 -5.85
CA ALA A 191 -9.79 7.96 -5.14
C ALA A 191 -8.73 8.13 -4.01
N LEU A 192 -7.69 8.93 -4.23
CA LEU A 192 -6.77 9.32 -3.21
C LEU A 192 -7.50 9.89 -2.00
N GLY A 193 -8.40 10.84 -2.28
CA GLY A 193 -9.09 11.46 -1.18
C GLY A 193 -9.96 10.46 -0.38
N ALA A 194 -10.69 9.62 -1.08
CA ALA A 194 -11.47 8.59 -0.45
C ALA A 194 -10.66 7.60 0.43
N TYR A 195 -9.56 7.09 -0.12
CA TYR A 195 -8.73 6.11 0.63
C TYR A 195 -7.95 6.76 1.77
N ASP A 196 -7.58 8.04 1.59
CA ASP A 196 -6.85 8.75 2.68
C ASP A 196 -7.79 8.89 3.87
N ARG A 197 -9.04 9.21 3.60
CA ARG A 197 -10.08 9.33 4.67
C ARG A 197 -10.31 7.93 5.28
N LEU A 198 -10.42 6.90 4.46
CA LEU A 198 -10.68 5.53 5.03
C LEU A 198 -9.55 5.02 5.91
N THR A 199 -8.34 5.14 5.43
CA THR A 199 -7.20 4.66 6.17
C THR A 199 -6.93 5.52 7.38
N GLY A 200 -7.23 6.82 7.34
CA GLY A 200 -7.00 7.70 8.50
C GLY A 200 -7.97 7.42 9.69
N GLN A 201 -9.15 6.92 9.39
CA GLN A 201 -10.15 6.62 10.41
C GLN A 201 -10.03 5.16 10.89
N TRP A 202 -9.30 4.32 10.18
CA TRP A 202 -9.22 2.93 10.51
C TRP A 202 -8.14 2.73 11.56
N ARG A 203 -8.30 1.65 12.29
CA ARG A 203 -7.28 1.21 13.26
C ARG A 203 -6.99 -0.28 13.11
N PRO A 204 -5.72 -0.62 13.02
CA PRO A 204 -5.46 -2.05 12.88
C PRO A 204 -5.81 -2.84 14.13
N ARG A 205 -6.16 -4.06 13.89
CA ARG A 205 -6.41 -5.07 14.93
C ARG A 205 -5.27 -6.06 15.10
N GLU A 206 -4.95 -6.40 16.35
CA GLU A 206 -3.95 -7.38 16.62
C GLU A 206 -4.40 -8.72 16.04
N THR A 207 -3.49 -9.42 15.35
CA THR A 207 -3.82 -10.68 14.69
C THR A 207 -2.91 -11.84 15.07
N GLY A 208 -1.71 -11.53 15.56
CA GLY A 208 -0.72 -12.55 15.83
C GLY A 208 0.04 -13.02 14.60
N LEU A 209 -0.19 -12.38 13.44
CA LEU A 209 0.49 -12.82 12.24
C LEU A 209 1.96 -12.42 12.28
N PRO A 210 2.85 -13.28 11.82
CA PRO A 210 4.24 -12.86 11.56
C PRO A 210 4.24 -11.61 10.69
N THR A 211 5.05 -10.64 11.05
CA THR A 211 5.05 -9.33 10.39
C THR A 211 6.49 -8.87 10.19
N LEU A 212 6.84 -8.44 8.98
CA LEU A 212 8.15 -7.91 8.67
C LEU A 212 7.93 -6.42 8.31
N LEU A 213 8.50 -5.52 9.11
CA LEU A 213 8.50 -4.06 8.88
C LEU A 213 9.80 -3.83 8.05
N VAL A 214 9.67 -3.24 6.87
CA VAL A 214 10.85 -2.94 6.05
C VAL A 214 10.93 -1.42 6.02
N SER A 215 12.02 -0.86 6.54
N SER A 215 11.97 -0.84 6.62
CA SER A 215 12.15 0.57 6.74
CA SER A 215 12.04 0.62 6.74
C SER A 215 13.09 1.17 5.73
C SER A 215 13.09 1.22 5.83
N ALA A 216 12.78 2.42 5.34
CA ALA A 216 13.72 3.24 4.58
C ALA A 216 14.96 3.49 5.41
N GLY A 217 16.07 3.62 4.74
CA GLY A 217 17.36 3.82 5.43
C GLY A 217 17.62 5.28 5.72
N GLU A 218 16.91 6.18 5.06
CA GLU A 218 17.06 7.60 5.34
C GLU A 218 15.78 8.40 5.20
N PRO A 219 15.68 9.49 5.97
CA PRO A 219 14.52 10.38 5.91
C PRO A 219 14.45 11.24 4.69
N MET A 220 13.26 11.66 4.36
CA MET A 220 13.15 12.62 3.24
C MET A 220 13.57 14.06 3.66
N GLY A 221 13.80 14.31 4.95
CA GLY A 221 14.34 15.58 5.40
C GLY A 221 15.11 15.38 6.69
N PRO A 222 15.75 16.45 7.17
CA PRO A 222 16.55 16.35 8.40
C PRO A 222 15.66 16.05 9.60
N TRP A 223 16.21 15.20 10.50
CA TRP A 223 15.46 14.90 11.73
C TRP A 223 16.48 14.83 12.91
N PRO A 224 16.02 15.20 14.10
CA PRO A 224 16.93 15.33 15.26
C PRO A 224 17.29 13.98 15.88
N ASP A 225 16.45 12.96 15.69
CA ASP A 225 16.66 11.63 16.27
C ASP A 225 16.04 10.64 15.33
N ASP A 226 15.77 9.42 15.79
CA ASP A 226 15.27 8.41 14.88
C ASP A 226 13.74 8.30 14.90
N SER A 227 13.03 9.28 15.45
CA SER A 227 11.58 9.23 15.53
C SER A 227 10.87 9.47 14.17
N TRP A 228 11.64 9.52 13.08
CA TRP A 228 11.01 9.74 11.78
C TRP A 228 10.62 8.42 11.07
N LYS A 229 11.02 7.30 11.66
CA LYS A 229 10.98 6.01 11.00
C LYS A 229 9.58 5.49 11.01
N PRO A 230 9.31 4.60 10.03
CA PRO A 230 8.09 3.86 10.11
C PRO A 230 8.04 3.00 11.41
N THR A 231 6.80 2.70 11.85
CA THR A 231 6.60 1.93 13.05
C THR A 231 5.35 1.05 12.91
N TRP A 232 5.21 0.06 13.82
CA TRP A 232 4.03 -0.78 13.77
C TRP A 232 3.69 -1.12 15.23
N PRO A 233 2.42 -1.11 15.60
CA PRO A 233 2.12 -1.27 17.05
C PRO A 233 2.08 -2.66 17.60
N PHE A 234 2.15 -3.68 16.75
CA PHE A 234 2.07 -5.05 17.12
C PHE A 234 3.39 -5.70 16.84
N GLU A 235 3.61 -6.84 17.46
CA GLU A 235 4.86 -7.62 17.33
C GLU A 235 5.29 -7.81 15.88
N HIS A 236 6.54 -7.51 15.59
CA HIS A 236 7.08 -7.63 14.24
C HIS A 236 8.54 -7.74 14.18
N ASP A 237 9.16 -8.18 13.13
CA ASP A 237 10.57 -8.05 12.91
C ASP A 237 10.83 -6.88 12.02
N THR A 238 12.05 -6.36 12.04
CA THR A 238 12.38 -5.10 11.35
C THR A 238 13.70 -5.27 10.56
N VAL A 239 13.72 -4.75 9.35
CA VAL A 239 14.94 -4.64 8.55
C VAL A 239 14.93 -3.26 7.90
N ALA A 240 16.10 -2.77 7.52
CA ALA A 240 16.20 -1.47 6.83
C ALA A 240 16.88 -1.72 5.46
N VAL A 241 16.57 -0.90 4.45
CA VAL A 241 17.16 -1.01 3.20
C VAL A 241 17.63 0.35 2.78
N PRO A 242 18.53 0.40 1.80
CA PRO A 242 18.87 1.71 1.27
C PRO A 242 17.67 2.46 0.65
N GLY A 243 17.80 3.77 0.66
CA GLY A 243 16.90 4.67 0.03
C GLY A 243 15.95 5.32 0.99
N ASP A 244 15.12 6.18 0.41
CA ASP A 244 14.15 6.89 1.17
C ASP A 244 12.78 6.30 0.95
N HIS A 245 11.76 6.95 1.49
CA HIS A 245 10.34 6.50 1.37
C HIS A 245 9.98 6.06 -0.03
N PHE A 246 10.45 6.77 -1.05
CA PHE A 246 10.15 6.46 -2.46
C PHE A 246 11.17 5.51 -3.13
N THR A 247 12.43 5.78 -2.95
CA THR A 247 13.45 5.06 -3.73
C THR A 247 13.64 3.62 -3.18
N MET A 248 13.24 3.39 -1.93
CA MET A 248 13.49 2.11 -1.31
C MET A 248 12.83 0.98 -2.11
N VAL A 249 11.71 1.28 -2.72
CA VAL A 249 10.85 0.23 -3.32
C VAL A 249 10.94 0.25 -4.89
N GLN A 250 11.80 1.13 -5.40
CA GLN A 250 11.95 1.29 -6.81
C GLN A 250 13.44 1.05 -7.15
N GLU A 251 14.21 2.11 -7.03
CA GLU A 251 15.67 2.01 -7.19
C GLU A 251 16.32 0.86 -6.35
N HIS A 252 15.84 0.64 -5.13
CA HIS A 252 16.39 -0.37 -4.20
C HIS A 252 15.49 -1.52 -3.96
N ALA A 253 14.59 -1.79 -4.92
CA ALA A 253 13.68 -2.93 -4.79
C ALA A 253 14.41 -4.23 -4.63
N ASP A 254 15.61 -4.41 -5.24
CA ASP A 254 16.34 -5.63 -5.11
C ASP A 254 16.69 -5.90 -3.64
N ALA A 255 17.01 -4.87 -2.88
CA ALA A 255 17.32 -5.04 -1.45
C ALA A 255 16.11 -5.57 -0.69
N ILE A 256 14.97 -5.05 -1.02
CA ILE A 256 13.71 -5.54 -0.46
C ILE A 256 13.51 -7.02 -0.81
N ALA A 257 13.71 -7.38 -2.07
CA ALA A 257 13.57 -8.75 -2.52
C ALA A 257 14.47 -9.73 -1.76
N ARG A 258 15.69 -9.29 -1.47
CA ARG A 258 16.58 -10.07 -0.66
C ARG A 258 16.11 -10.36 0.76
N HIS A 259 15.58 -9.36 1.43
CA HIS A 259 14.98 -9.60 2.72
C HIS A 259 13.75 -10.47 2.70
N ILE A 260 12.89 -10.30 1.67
CA ILE A 260 11.72 -11.16 1.54
C ILE A 260 12.18 -12.65 1.41
N ASP A 261 13.12 -12.90 0.52
CA ASP A 261 13.64 -14.25 0.26
C ASP A 261 14.13 -14.81 1.62
N ALA A 262 14.93 -14.02 2.35
CA ALA A 262 15.46 -14.53 3.65
C ALA A 262 14.31 -14.83 4.64
N TRP A 263 13.36 -13.92 4.70
CA TRP A 263 12.23 -14.10 5.61
C TRP A 263 11.36 -15.27 5.24
N LEU A 264 11.18 -15.58 3.97
CA LEU A 264 10.42 -16.74 3.56
C LEU A 264 11.20 -18.05 3.83
N GLY A 265 12.44 -18.01 4.24
CA GLY A 265 13.22 -19.26 4.57
C GLY A 265 14.69 -19.28 4.17
N GLY A 266 15.10 -18.25 3.45
CA GLY A 266 16.43 -18.17 2.88
C GLY A 266 17.47 -17.59 3.86
N GLY A 267 17.04 -17.24 5.10
CA GLY A 267 18.07 -16.98 6.17
C GLY A 267 18.30 -18.28 6.96
N ASN A 268 18.70 -18.13 8.24
CA ASN A 268 18.91 -19.30 9.06
C ASN A 268 17.93 -19.47 10.20
N SER A 269 16.73 -18.91 10.10
CA SER A 269 15.65 -19.31 11.05
C SER A 269 14.81 -20.47 10.48
OH2 1PE B . 5.78 4.12 -18.06
C12 1PE B . 4.95 3.36 -17.13
C22 1PE B . 5.85 3.01 -15.93
OH3 1PE B . 5.14 2.34 -14.89
C13 1PE B . 6.46 3.01 -13.02
C23 1PE B . 5.99 1.83 -13.83
OH4 1PE B . 7.05 2.69 -11.75
C14 1PE B . 5.76 3.81 -10.13
C24 1PE B . 7.11 3.84 -10.85
OH5 1PE B . 5.59 4.79 -9.07
C15 1PE B . 4.96 4.99 -6.76
C25 1PE B . 4.56 4.43 -8.14
OH6 1PE B . 4.04 4.81 -5.65
C16 1PE B . 4.39 5.65 -3.29
C26 1PE B . 4.04 5.95 -4.75
OH7 1PE B . 3.42 6.19 -2.36
OH3 1PE C . 0.23 14.32 -0.96
C13 1PE C . 0.73 12.47 0.58
C23 1PE C . -0.36 13.33 -0.08
OH4 1PE C . 0.12 11.49 1.40
C14 1PE C . 0.79 9.70 2.86
C24 1PE C . 0.78 11.20 2.64
OH5 1PE C . 1.04 9.37 4.22
C15 1PE C . -0.95 8.30 5.07
C25 1PE C . 0.50 8.09 4.60
OH6 1PE C . -1.51 7.14 5.69
C16 1PE C . -3.58 8.16 6.76
C26 1PE C . -2.96 7.10 5.84
OH7 1PE C . -4.67 8.90 6.15
CA CA D . -25.69 -2.36 -0.65
CA CA E . -9.72 9.02 -16.30
CA CA F . 14.88 -18.78 -1.49
#